data_3BHY
#
_entry.id   3BHY
#
_cell.length_a   33.549
_cell.length_b   90.680
_cell.length_c   41.464
_cell.angle_alpha   90.000
_cell.angle_beta   100.450
_cell.angle_gamma   90.000
#
_symmetry.space_group_name_H-M   'P 1 21 1'
#
loop_
_entity.id
_entity.type
_entity.pdbx_description
1 polymer 'Death-associated protein kinase 3'
2 non-polymer 'CHLORIDE ION'
3 non-polymer "(4R)-7,8-dichloro-1',9-dimethyl-1-oxo-1,2,4,9-tetrahydrospiro[beta-carboline-3,4'-piperidine]-4-carbonitrile"
4 water water
#
_entity_poly.entity_id   1
_entity_poly.type   'polypeptide(L)'
_entity_poly.pdbx_seq_one_letter_code
;SMVEDHYEMGEELGSGQFAIVRKCRQKGTGKEYAAKFIKKRRLSSSRRGVSREEIEREVNILREIRHPNIITLHDIFENK
TDVVLILELVSGGELFDFLAEKESLTEDEATQFLKQILDGVHYLHSKRIAHFDLKPENIMLLDKNVPNPRIKLIDFGIAH
KIEAGNEFKNIFGTPEFVAPEIVNYEPLGLEADMWSIGVITYILLSGASPFLGETKQETLTNISAVNYDFDEEYFSNTSE
LAKDFIRRLLVKDPKRRMTIAQSLEHSWIKAIRRRNVRGEDSG
;
_entity_poly.pdbx_strand_id   A
#
# COMPACT_ATOMS: atom_id res chain seq x y z
N MET A 2 -14.81 -27.47 3.25
CA MET A 2 -14.09 -26.52 4.11
C MET A 2 -12.65 -26.26 3.59
N VAL A 3 -12.17 -25.07 3.84
CA VAL A 3 -10.84 -24.66 3.43
C VAL A 3 -9.76 -25.56 3.96
N GLU A 4 -9.91 -26.02 5.20
CA GLU A 4 -8.87 -26.83 5.81
C GLU A 4 -8.83 -28.25 5.22
N ASP A 5 -9.89 -28.66 4.52
CA ASP A 5 -9.81 -29.92 3.76
C ASP A 5 -8.76 -29.83 2.68
N HIS A 6 -8.63 -28.67 2.07
CA HIS A 6 -7.75 -28.49 0.89
C HIS A 6 -6.47 -27.77 1.08
N TYR A 7 -6.38 -27.07 2.21
CA TYR A 7 -5.22 -26.28 2.59
C TYR A 7 -4.89 -26.60 4.01
N GLU A 8 -3.67 -27.06 4.22
CA GLU A 8 -3.18 -27.32 5.58
C GLU A 8 -2.64 -26.00 6.14
N MET A 9 -3.26 -25.50 7.20
CA MET A 9 -2.88 -24.23 7.80
C MET A 9 -1.66 -24.35 8.67
N GLY A 10 -0.82 -23.35 8.59
CA GLY A 10 0.43 -23.30 9.29
C GLY A 10 0.51 -22.05 10.15
N GLU A 11 1.69 -21.48 10.19
CA GLU A 11 1.95 -20.39 11.12
C GLU A 11 1.21 -19.11 10.79
N GLU A 12 0.93 -18.35 11.84
CA GLU A 12 0.31 -17.07 11.69
C GLU A 12 1.33 -16.06 11.22
N LEU A 13 1.07 -15.39 10.11
CA LEU A 13 1.98 -14.41 9.56
C LEU A 13 1.65 -12.98 9.95
N GLY A 14 0.42 -12.70 10.32
CA GLY A 14 -0.01 -11.36 10.66
C GLY A 14 -1.43 -11.31 11.11
N SER A 15 -1.80 -10.17 11.64
CA SER A 15 -3.10 -10.00 12.20
C SER A 15 -3.47 -8.56 12.23
N GLY A 16 -4.77 -8.32 12.08
CA GLY A 16 -5.34 -7.03 12.38
C GLY A 16 -6.62 -7.18 13.19
N GLN A 17 -7.39 -6.10 13.27
CA GLN A 17 -8.57 -6.07 14.14
C GLN A 17 -9.56 -7.16 13.79
N PHE A 18 -9.82 -7.38 12.48
CA PHE A 18 -10.82 -8.37 12.02
C PHE A 18 -10.26 -9.34 10.99
N ALA A 19 -8.95 -9.55 11.01
CA ALA A 19 -8.34 -10.48 10.07
C ALA A 19 -7.13 -11.13 10.65
N ILE A 20 -6.89 -12.36 10.24
CA ILE A 20 -5.67 -13.06 10.55
C ILE A 20 -5.16 -13.67 9.25
N VAL A 21 -3.86 -13.68 9.06
CA VAL A 21 -3.28 -14.32 7.90
C VAL A 21 -2.36 -15.45 8.33
N ARG A 22 -2.55 -16.64 7.74
CA ARG A 22 -1.76 -17.83 8.05
C ARG A 22 -1.07 -18.33 6.80
N LYS A 23 0.15 -18.79 6.91
CA LYS A 23 0.74 -19.54 5.83
C LYS A 23 -0.04 -20.85 5.69
N CYS A 24 -0.18 -21.34 4.47
CA CYS A 24 -0.83 -22.62 4.27
C CYS A 24 -0.24 -23.33 3.07
N ARG A 25 -0.58 -24.59 2.99
CA ARG A 25 -0.09 -25.46 1.94
C ARG A 25 -1.28 -26.10 1.24
N GLN A 26 -1.36 -25.98 -0.08
CA GLN A 26 -2.38 -26.61 -0.84
C GLN A 26 -2.07 -28.09 -0.90
N LYS A 27 -2.96 -28.92 -0.39
CA LYS A 27 -2.63 -30.32 -0.26
C LYS A 27 -2.45 -31.03 -1.60
N GLY A 28 -3.15 -30.58 -2.65
CA GLY A 28 -3.07 -31.28 -3.93
C GLY A 28 -1.75 -31.08 -4.68
N THR A 29 -1.08 -29.95 -4.45
CA THR A 29 0.08 -29.53 -5.19
C THR A 29 1.33 -29.28 -4.36
N GLY A 30 1.17 -29.05 -3.06
CA GLY A 30 2.25 -28.66 -2.24
C GLY A 30 2.57 -27.17 -2.25
N LYS A 31 1.89 -26.41 -3.10
CA LYS A 31 2.16 -24.98 -3.21
C LYS A 31 1.73 -24.27 -1.96
N GLU A 32 2.56 -23.34 -1.53
CA GLU A 32 2.25 -22.53 -0.37
C GLU A 32 1.61 -21.19 -0.73
N TYR A 33 0.65 -20.79 0.11
CA TYR A 33 -0.17 -19.59 -0.04
C TYR A 33 -0.29 -18.89 1.28
N ALA A 34 -0.87 -17.70 1.23
CA ALA A 34 -1.30 -16.98 2.45
C ALA A 34 -2.79 -17.02 2.57
N ALA A 35 -3.32 -17.56 3.65
CA ALA A 35 -4.75 -17.62 3.84
C ALA A 35 -5.16 -16.46 4.77
N LYS A 36 -5.92 -15.53 4.25
CA LYS A 36 -6.43 -14.40 5.01
C LYS A 36 -7.87 -14.67 5.45
N PHE A 37 -8.03 -14.84 6.76
CA PHE A 37 -9.33 -15.09 7.40
C PHE A 37 -9.94 -13.77 7.81
N ILE A 38 -11.02 -13.37 7.15
CA ILE A 38 -11.69 -12.11 7.41
C ILE A 38 -12.94 -12.42 8.19
N LYS A 39 -13.05 -11.85 9.37
CA LYS A 39 -14.23 -12.06 10.21
C LYS A 39 -15.45 -11.30 9.75
N LYS A 40 -16.50 -12.04 9.45
CA LYS A 40 -17.73 -11.46 8.97
C LYS A 40 -18.51 -10.82 10.11
N ARG A 41 -19.29 -9.82 9.76
CA ARG A 41 -20.34 -9.31 10.65
C ARG A 41 -21.37 -10.39 10.91
N ARG A 42 -21.86 -10.46 12.15
CA ARG A 42 -22.90 -11.42 12.48
C ARG A 42 -24.19 -11.02 11.85
N LEU A 43 -24.48 -9.71 11.87
CA LEU A 43 -25.66 -9.15 11.25
C LEU A 43 -25.22 -8.14 10.20
N SER A 44 -26.07 -7.83 9.24
CA SER A 44 -25.66 -7.06 8.07
C SER A 44 -25.01 -5.71 8.45
N SER A 45 -25.55 -5.03 9.46
CA SER A 45 -25.00 -3.74 9.84
C SER A 45 -24.32 -3.79 11.25
N SER A 46 -23.87 -4.97 11.70
CA SER A 46 -23.15 -5.14 12.97
C SER A 46 -21.97 -4.18 13.05
N ARG A 47 -21.72 -3.66 14.25
CA ARG A 47 -20.54 -2.82 14.49
C ARG A 47 -19.23 -3.59 14.26
N ARG A 48 -19.19 -4.85 14.70
CA ARG A 48 -17.97 -5.64 14.67
C ARG A 48 -17.96 -6.58 13.46
N GLY A 49 -16.80 -6.71 12.83
CA GLY A 49 -16.64 -7.56 11.67
C GLY A 49 -16.53 -6.72 10.45
N VAL A 50 -16.14 -7.36 9.38
CA VAL A 50 -15.96 -6.67 8.16
C VAL A 50 -17.23 -6.78 7.39
N SER A 51 -17.65 -5.65 6.86
CA SER A 51 -18.84 -5.64 6.07
C SER A 51 -18.71 -6.61 4.91
N ARG A 52 -19.82 -7.26 4.63
CA ARG A 52 -19.84 -8.14 3.48
C ARG A 52 -19.51 -7.35 2.17
N GLU A 53 -19.92 -6.07 2.12
CA GLU A 53 -19.51 -5.17 1.03
C GLU A 53 -17.99 -4.95 0.87
N GLU A 54 -17.28 -4.67 1.95
CA GLU A 54 -15.86 -4.63 1.91
C GLU A 54 -15.38 -5.97 1.36
N ILE A 55 -15.91 -7.13 1.77
CA ILE A 55 -15.26 -8.39 1.33
C ILE A 55 -15.46 -8.59 -0.18
N GLU A 56 -16.69 -8.50 -0.63
CA GLU A 56 -17.02 -8.75 -2.04
C GLU A 56 -16.31 -7.77 -2.97
N ARG A 57 -16.27 -6.51 -2.57
CA ARG A 57 -15.58 -5.49 -3.35
C ARG A 57 -14.08 -5.83 -3.49
N GLU A 58 -13.44 -6.23 -2.37
CA GLU A 58 -12.04 -6.62 -2.38
C GLU A 58 -11.79 -7.82 -3.31
N VAL A 59 -12.61 -8.85 -3.15
CA VAL A 59 -12.50 -10.06 -3.94
C VAL A 59 -12.66 -9.72 -5.42
N ASN A 60 -13.65 -8.91 -5.74
CA ASN A 60 -13.90 -8.60 -7.13
C ASN A 60 -12.78 -7.78 -7.76
N ILE A 61 -12.22 -6.83 -7.01
CA ILE A 61 -11.06 -6.08 -7.48
C ILE A 61 -9.85 -7.02 -7.70
N LEU A 62 -9.54 -7.86 -6.72
CA LEU A 62 -8.36 -8.75 -6.90
C LEU A 62 -8.52 -9.68 -8.07
N ARG A 63 -9.75 -10.16 -8.31
CA ARG A 63 -9.97 -11.10 -9.41
C ARG A 63 -9.80 -10.45 -10.76
N GLU A 64 -10.00 -9.14 -10.83
CA GLU A 64 -9.85 -8.42 -12.11
C GLU A 64 -8.45 -7.93 -12.42
N ILE A 65 -7.57 -7.95 -11.45
CA ILE A 65 -6.24 -7.45 -11.63
C ILE A 65 -5.29 -8.55 -12.02
N ARG A 66 -4.48 -8.29 -13.04
CA ARG A 66 -3.35 -9.15 -13.43
C ARG A 66 -2.09 -8.28 -13.61
N HIS A 67 -1.28 -8.17 -12.56
CA HIS A 67 -0.06 -7.34 -12.63
C HIS A 67 1.02 -7.90 -11.74
N PRO A 68 2.30 -7.93 -12.20
CA PRO A 68 3.36 -8.49 -11.37
C PRO A 68 3.62 -7.83 -10.01
N ASN A 69 3.17 -6.60 -9.83
CA ASN A 69 3.37 -5.88 -8.57
C ASN A 69 2.13 -5.82 -7.72
N ILE A 70 1.16 -6.69 -7.99
CA ILE A 70 -0.07 -6.76 -7.19
C ILE A 70 -0.33 -8.21 -6.85
N ILE A 71 -0.67 -8.48 -5.60
CA ILE A 71 -0.92 -9.82 -5.12
C ILE A 71 -2.06 -10.47 -5.90
N THR A 72 -1.94 -11.76 -6.15
CA THR A 72 -3.02 -12.51 -6.78
C THR A 72 -3.91 -13.27 -5.77
N LEU A 73 -5.15 -13.41 -6.14
CA LEU A 73 -6.10 -14.19 -5.39
C LEU A 73 -6.29 -15.54 -6.08
N HIS A 74 -6.03 -16.60 -5.36
CA HIS A 74 -6.08 -17.96 -5.89
C HIS A 74 -7.45 -18.60 -5.68
N ASP A 75 -8.04 -18.43 -4.51
CA ASP A 75 -9.37 -19.01 -4.27
C ASP A 75 -10.00 -18.35 -3.07
N ILE A 76 -11.26 -18.68 -2.83
CA ILE A 76 -12.06 -18.13 -1.76
C ILE A 76 -12.91 -19.25 -1.14
N PHE A 77 -12.94 -19.28 0.18
CA PHE A 77 -13.79 -20.15 0.97
C PHE A 77 -14.53 -19.31 1.98
N GLU A 78 -15.64 -19.84 2.42
CA GLU A 78 -16.52 -19.13 3.28
C GLU A 78 -17.22 -20.13 4.12
N ASN A 79 -17.28 -19.84 5.41
CA ASN A 79 -18.22 -20.54 6.27
C ASN A 79 -19.13 -19.54 6.99
N LYS A 80 -19.79 -19.95 8.05
CA LYS A 80 -20.70 -19.04 8.75
C LYS A 80 -20.01 -17.78 9.30
N THR A 81 -18.75 -17.91 9.76
CA THR A 81 -18.06 -16.80 10.43
C THR A 81 -16.96 -16.04 9.71
N ASP A 82 -16.31 -16.68 8.73
CA ASP A 82 -15.17 -16.08 8.04
C ASP A 82 -15.29 -16.26 6.56
N VAL A 83 -14.72 -15.30 5.89
CA VAL A 83 -14.41 -15.48 4.47
C VAL A 83 -12.90 -15.65 4.43
N VAL A 84 -12.40 -16.69 3.77
CA VAL A 84 -10.98 -16.99 3.72
C VAL A 84 -10.50 -16.81 2.30
N LEU A 85 -9.61 -15.84 2.11
CA LEU A 85 -8.98 -15.58 0.82
C LEU A 85 -7.67 -16.32 0.77
N ILE A 86 -7.51 -17.14 -0.25
CA ILE A 86 -6.24 -17.83 -0.52
C ILE A 86 -5.47 -16.98 -1.48
N LEU A 87 -4.41 -16.32 -0.97
CA LEU A 87 -3.67 -15.30 -1.67
C LEU A 87 -2.28 -15.82 -1.97
N GLU A 88 -1.67 -15.26 -2.99
CA GLU A 88 -0.27 -15.48 -3.27
C GLU A 88 0.57 -15.24 -2.02
N LEU A 89 1.49 -16.17 -1.72
CA LEU A 89 2.35 -16.00 -0.57
C LEU A 89 3.49 -15.09 -0.97
N VAL A 90 3.74 -14.10 -0.15
CA VAL A 90 4.87 -13.17 -0.31
C VAL A 90 5.61 -13.23 1.02
N SER A 91 6.85 -13.69 1.00
CA SER A 91 7.55 -14.13 2.22
C SER A 91 8.64 -13.22 2.71
N GLY A 92 8.89 -12.10 2.04
CA GLY A 92 10.01 -11.23 2.36
C GLY A 92 9.63 -10.12 3.33
N GLY A 93 8.43 -10.17 3.90
CA GLY A 93 7.97 -9.20 4.88
C GLY A 93 7.50 -7.90 4.26
N GLU A 94 7.03 -7.01 5.11
CA GLU A 94 6.52 -5.72 4.71
C GLU A 94 7.66 -4.77 4.38
N LEU A 95 7.40 -3.85 3.46
CA LEU A 95 8.34 -2.77 3.20
C LEU A 95 8.59 -1.99 4.53
N PHE A 96 7.54 -1.87 5.35
CA PHE A 96 7.66 -1.25 6.66
C PHE A 96 8.82 -1.81 7.49
N ASP A 97 8.92 -3.16 7.53
CA ASP A 97 9.96 -3.81 8.31
C ASP A 97 11.31 -3.70 7.65
N PHE A 98 11.34 -3.75 6.33
CA PHE A 98 12.59 -3.55 5.58
C PHE A 98 13.17 -2.18 5.93
N LEU A 99 12.32 -1.16 5.87
CA LEU A 99 12.74 0.21 6.10
C LEU A 99 13.19 0.39 7.54
N ALA A 100 12.52 -0.31 8.44
CA ALA A 100 12.87 -0.24 9.83
C ALA A 100 14.34 -0.65 10.00
N GLU A 101 14.75 -1.71 9.32
CA GLU A 101 16.11 -2.23 9.45
C GLU A 101 17.15 -1.34 8.76
N LYS A 102 16.75 -0.77 7.63
CA LYS A 102 17.63 0.07 6.81
C LYS A 102 17.71 1.51 7.29
N GLU A 103 16.72 1.91 8.07
CA GLU A 103 16.50 3.29 8.57
C GLU A 103 16.03 4.29 7.54
N SER A 104 16.80 4.46 6.49
CA SER A 104 16.44 5.29 5.37
C SER A 104 17.17 4.76 4.16
N LEU A 105 16.61 5.05 2.99
CA LEU A 105 17.14 4.54 1.72
C LEU A 105 17.89 5.62 0.96
N THR A 106 18.86 5.21 0.16
CA THR A 106 19.43 6.09 -0.83
C THR A 106 18.37 6.41 -1.88
N GLU A 107 18.61 7.46 -2.66
CA GLU A 107 17.68 7.81 -3.70
C GLU A 107 17.57 6.68 -4.73
N ASP A 108 18.68 6.02 -5.03
CA ASP A 108 18.61 4.86 -5.94
C ASP A 108 17.74 3.74 -5.38
N GLU A 109 17.93 3.40 -4.11
CA GLU A 109 17.16 2.34 -3.49
C GLU A 109 15.67 2.74 -3.47
N ALA A 110 15.37 3.99 -3.16
CA ALA A 110 14.00 4.46 -3.07
C ALA A 110 13.34 4.39 -4.44
N THR A 111 14.04 4.85 -5.48
CA THR A 111 13.47 4.85 -6.81
C THR A 111 13.27 3.45 -7.39
N GLN A 112 14.10 2.50 -7.01
CA GLN A 112 13.89 1.12 -7.39
C GLN A 112 12.58 0.56 -6.82
N PHE A 113 12.29 0.89 -5.57
CA PHE A 113 10.97 0.52 -5.04
C PHE A 113 9.86 1.30 -5.70
N LEU A 114 10.04 2.61 -5.85
CA LEU A 114 8.96 3.44 -6.37
C LEU A 114 8.59 3.10 -7.79
N LYS A 115 9.56 2.68 -8.63
CA LYS A 115 9.22 2.30 -9.97
C LYS A 115 8.18 1.16 -9.94
N GLN A 116 8.36 0.22 -9.02
CA GLN A 116 7.44 -0.92 -8.91
C GLN A 116 6.10 -0.50 -8.35
N ILE A 117 6.11 0.30 -7.28
CA ILE A 117 4.88 0.81 -6.68
C ILE A 117 4.09 1.62 -7.71
N LEU A 118 4.77 2.49 -8.42
CA LEU A 118 4.13 3.33 -9.43
C LEU A 118 3.60 2.53 -10.60
N ASP A 119 4.31 1.47 -10.97
CA ASP A 119 3.78 0.56 -12.01
C ASP A 119 2.51 -0.14 -11.59
N GLY A 120 2.48 -0.63 -10.36
CA GLY A 120 1.26 -1.23 -9.88
C GLY A 120 0.12 -0.23 -9.79
N VAL A 121 0.40 0.98 -9.29
CA VAL A 121 -0.63 1.97 -9.17
C VAL A 121 -1.11 2.46 -10.57
N HIS A 122 -0.19 2.52 -11.53
CA HIS A 122 -0.56 2.88 -12.90
C HIS A 122 -1.57 1.88 -13.44
N TYR A 123 -1.32 0.60 -13.20
CA TYR A 123 -2.25 -0.44 -13.60
C TYR A 123 -3.63 -0.24 -12.96
N LEU A 124 -3.66 -0.03 -11.66
CA LEU A 124 -4.93 0.24 -10.98
C LEU A 124 -5.65 1.46 -11.54
N HIS A 125 -4.92 2.56 -11.69
CA HIS A 125 -5.51 3.83 -12.10
C HIS A 125 -6.02 3.77 -13.53
N SER A 126 -5.37 2.96 -14.34
CA SER A 126 -5.83 2.75 -15.73
C SER A 126 -7.21 2.16 -15.77
N LYS A 127 -7.55 1.34 -14.76
CA LYS A 127 -8.88 0.77 -14.56
C LYS A 127 -9.81 1.62 -13.67
N ARG A 128 -9.33 2.78 -13.27
CA ARG A 128 -10.01 3.74 -12.39
C ARG A 128 -10.20 3.15 -11.00
N ILE A 129 -9.26 2.29 -10.58
CA ILE A 129 -9.31 1.75 -9.23
C ILE A 129 -8.35 2.56 -8.35
N ALA A 130 -8.90 3.12 -7.27
CA ALA A 130 -8.10 3.74 -6.19
C ALA A 130 -7.89 2.74 -5.09
N HIS A 131 -6.65 2.61 -4.64
CA HIS A 131 -6.35 1.69 -3.54
C HIS A 131 -6.82 2.20 -2.19
N PHE A 132 -6.55 3.48 -1.95
CA PHE A 132 -6.97 4.20 -0.75
C PHE A 132 -6.28 3.81 0.56
N ASP A 133 -5.33 2.89 0.52
CA ASP A 133 -4.58 2.58 1.76
C ASP A 133 -3.14 2.24 1.44
N LEU A 134 -2.53 3.02 0.57
CA LEU A 134 -1.14 2.79 0.26
C LEU A 134 -0.27 3.25 1.42
N LYS A 135 0.64 2.40 1.86
CA LYS A 135 1.57 2.67 2.95
C LYS A 135 2.55 1.51 2.97
N PRO A 136 3.71 1.67 3.66
CA PRO A 136 4.70 0.60 3.66
C PRO A 136 4.24 -0.75 4.25
N GLU A 137 3.29 -0.73 5.17
CA GLU A 137 2.76 -1.95 5.73
C GLU A 137 1.94 -2.77 4.70
N ASN A 138 1.44 -2.10 3.64
CA ASN A 138 0.65 -2.75 2.60
C ASN A 138 1.43 -3.01 1.32
N ILE A 139 2.76 -3.09 1.44
CA ILE A 139 3.65 -3.37 0.34
C ILE A 139 4.51 -4.48 0.86
N MET A 140 4.47 -5.65 0.22
CA MET A 140 5.23 -6.83 0.64
C MET A 140 6.40 -7.10 -0.28
N LEU A 141 7.50 -7.57 0.28
CA LEU A 141 8.69 -7.91 -0.48
C LEU A 141 8.74 -9.41 -0.79
N LEU A 142 9.13 -9.74 -2.01
CA LEU A 142 9.31 -11.17 -2.38
C LEU A 142 10.52 -11.80 -1.70
N ASP A 143 11.60 -11.05 -1.64
CA ASP A 143 12.81 -11.48 -0.93
C ASP A 143 13.50 -10.26 -0.37
N LYS A 144 13.72 -10.22 0.95
CA LYS A 144 14.43 -9.08 1.56
C LYS A 144 15.98 -9.07 1.49
N ASN A 145 16.63 -10.18 1.11
CA ASN A 145 18.11 -10.27 1.15
C ASN A 145 18.85 -10.00 -0.18
N VAL A 146 18.35 -9.01 -0.94
CA VAL A 146 18.91 -8.65 -2.24
C VAL A 146 18.96 -7.14 -2.37
N PRO A 147 19.78 -6.63 -3.30
CA PRO A 147 19.84 -5.16 -3.44
C PRO A 147 18.61 -4.41 -3.94
N ASN A 148 17.81 -5.07 -4.77
CA ASN A 148 16.70 -4.48 -5.54
C ASN A 148 15.43 -5.35 -5.37
N PRO A 149 14.88 -5.48 -4.13
CA PRO A 149 13.81 -6.43 -3.91
C PRO A 149 12.54 -6.11 -4.67
N ARG A 150 11.87 -7.16 -5.12
CA ARG A 150 10.61 -7.06 -5.77
C ARG A 150 9.50 -6.91 -4.74
N ILE A 151 8.46 -6.16 -5.11
CA ILE A 151 7.33 -5.90 -4.23
C ILE A 151 5.99 -6.23 -4.87
N LYS A 152 5.02 -6.40 -4.00
CA LYS A 152 3.61 -6.56 -4.34
C LYS A 152 2.74 -5.75 -3.41
N LEU A 153 1.79 -5.02 -3.97
CA LEU A 153 0.76 -4.36 -3.21
C LEU A 153 -0.26 -5.36 -2.69
N ILE A 154 -0.70 -5.12 -1.46
CA ILE A 154 -1.68 -5.93 -0.79
C ILE A 154 -2.74 -5.07 -0.14
N ASP A 155 -3.75 -5.75 0.43
CA ASP A 155 -4.76 -5.17 1.27
C ASP A 155 -5.61 -4.15 0.55
N PHE A 156 -6.51 -4.72 -0.25
CA PHE A 156 -7.45 -4.04 -1.10
C PHE A 156 -8.79 -3.83 -0.44
N GLY A 157 -8.80 -3.91 0.90
CA GLY A 157 -10.05 -3.83 1.66
C GLY A 157 -10.77 -2.51 1.61
N ILE A 158 -10.11 -1.41 1.25
CA ILE A 158 -10.86 -0.16 1.01
C ILE A 158 -10.69 0.38 -0.41
N ALA A 159 -10.16 -0.44 -1.31
CA ALA A 159 -10.06 -0.07 -2.71
C ALA A 159 -11.43 0.10 -3.33
N HIS A 160 -11.56 1.10 -4.21
CA HIS A 160 -12.83 1.40 -4.87
C HIS A 160 -12.61 1.84 -6.32
N LYS A 161 -13.54 1.47 -7.18
CA LYS A 161 -13.58 2.06 -8.51
C LYS A 161 -14.16 3.49 -8.43
N ILE A 162 -13.52 4.42 -9.13
CA ILE A 162 -13.88 5.84 -9.17
C ILE A 162 -14.69 6.06 -10.45
N GLU A 163 -15.96 6.40 -10.30
CA GLU A 163 -16.83 6.47 -11.47
C GLU A 163 -17.33 7.87 -11.75
N PHE A 172 -11.90 6.25 4.88
CA PHE A 172 -10.74 6.71 5.65
C PHE A 172 -9.71 5.61 5.89
N GLY A 173 -8.53 5.77 5.32
CA GLY A 173 -7.43 4.87 5.59
C GLY A 173 -6.66 5.23 6.86
N THR A 174 -5.36 5.19 6.77
CA THR A 174 -4.45 5.29 7.91
C THR A 174 -4.03 6.74 8.12
N PRO A 175 -4.24 7.31 9.33
CA PRO A 175 -4.04 8.77 9.53
C PRO A 175 -2.81 9.38 8.88
N GLU A 176 -1.63 8.79 9.05
CA GLU A 176 -0.41 9.40 8.54
C GLU A 176 -0.36 9.54 7.03
N PHE A 177 -1.15 8.75 6.32
CA PHE A 177 -1.11 8.62 4.85
C PHE A 177 -2.32 9.19 4.12
N VAL A 178 -3.35 9.62 4.82
CA VAL A 178 -4.55 10.15 4.17
C VAL A 178 -4.34 11.55 3.62
N ALA A 179 -4.91 11.77 2.43
CA ALA A 179 -4.85 13.05 1.79
C ALA A 179 -5.78 14.08 2.46
N PRO A 180 -5.50 15.38 2.25
CA PRO A 180 -6.39 16.41 2.81
C PRO A 180 -7.87 16.26 2.49
N GLU A 181 -8.20 15.79 1.27
CA GLU A 181 -9.61 15.61 0.91
C GLU A 181 -10.30 14.54 1.75
N ILE A 182 -9.56 13.54 2.18
CA ILE A 182 -10.09 12.59 3.14
C ILE A 182 -10.33 13.24 4.50
N VAL A 183 -9.38 14.02 4.98
CA VAL A 183 -9.49 14.70 6.26
C VAL A 183 -10.67 15.69 6.27
N ASN A 184 -10.91 16.33 5.13
CA ASN A 184 -11.89 17.41 5.04
C ASN A 184 -13.20 17.02 4.38
N TYR A 185 -13.39 15.72 4.21
CA TYR A 185 -14.65 15.15 3.69
C TYR A 185 -15.04 15.77 2.35
N GLU A 186 -14.06 15.87 1.46
CA GLU A 186 -14.23 16.37 0.14
C GLU A 186 -14.22 15.23 -0.89
N PRO A 187 -14.64 15.52 -2.12
CA PRO A 187 -14.70 14.45 -3.13
C PRO A 187 -13.39 13.72 -3.31
N LEU A 188 -13.49 12.40 -3.42
CA LEU A 188 -12.33 11.55 -3.56
C LEU A 188 -12.18 10.99 -4.97
N GLY A 189 -10.94 10.73 -5.32
CA GLY A 189 -10.60 10.16 -6.59
C GLY A 189 -9.27 9.43 -6.53
N LEU A 190 -8.64 9.26 -7.68
CA LEU A 190 -7.36 8.60 -7.83
C LEU A 190 -6.25 9.46 -7.18
N GLU A 191 -6.49 10.75 -7.02
CA GLU A 191 -5.47 11.64 -6.52
C GLU A 191 -5.04 11.33 -5.09
N ALA A 192 -5.94 10.77 -4.26
CA ALA A 192 -5.57 10.42 -2.92
C ALA A 192 -4.41 9.46 -2.86
N ASP A 193 -4.39 8.50 -3.78
CA ASP A 193 -3.30 7.57 -3.87
C ASP A 193 -1.97 8.26 -4.18
N MET A 194 -2.03 9.30 -5.03
CA MET A 194 -0.85 10.06 -5.36
C MET A 194 -0.26 10.80 -4.16
N TRP A 195 -1.12 11.37 -3.34
CA TRP A 195 -0.69 11.94 -2.09
C TRP A 195 0.00 10.90 -1.24
N SER A 196 -0.61 9.73 -1.08
CA SER A 196 -0.02 8.69 -0.25
C SER A 196 1.36 8.26 -0.77
N ILE A 197 1.53 8.24 -2.09
CA ILE A 197 2.84 7.97 -2.68
C ILE A 197 3.85 9.01 -2.27
N GLY A 198 3.46 10.27 -2.24
CA GLY A 198 4.34 11.31 -1.74
C GLY A 198 4.76 11.08 -0.29
N VAL A 199 3.84 10.69 0.56
CA VAL A 199 4.13 10.36 1.96
C VAL A 199 5.13 9.20 2.04
N ILE A 200 4.84 8.14 1.28
CA ILE A 200 5.75 6.98 1.24
C ILE A 200 7.15 7.42 0.83
N THR A 201 7.23 8.23 -0.21
CA THR A 201 8.51 8.66 -0.72
C THR A 201 9.30 9.43 0.36
N TYR A 202 8.66 10.36 1.03
CA TYR A 202 9.27 11.09 2.13
C TYR A 202 9.82 10.15 3.17
N ILE A 203 9.04 9.17 3.56
CA ILE A 203 9.46 8.18 4.55
C ILE A 203 10.64 7.35 4.07
N LEU A 204 10.61 6.93 2.80
CA LEU A 204 11.72 6.13 2.32
C LEU A 204 13.03 6.87 2.40
N LEU A 205 13.01 8.16 2.06
CA LEU A 205 14.23 8.95 2.02
C LEU A 205 14.73 9.41 3.37
N SER A 206 13.83 9.57 4.34
CA SER A 206 14.17 10.18 5.62
C SER A 206 14.08 9.27 6.82
N GLY A 207 13.27 8.22 6.75
CA GLY A 207 12.87 7.47 7.90
C GLY A 207 11.91 8.17 8.83
N ALA A 208 11.34 9.30 8.41
CA ALA A 208 10.42 10.06 9.22
C ALA A 208 9.13 10.21 8.43
N SER A 209 8.04 10.24 9.16
CA SER A 209 6.73 10.43 8.59
C SER A 209 6.41 11.94 8.57
N PRO A 210 6.09 12.52 7.39
CA PRO A 210 6.11 13.97 7.28
C PRO A 210 5.09 14.73 8.12
N PHE A 211 3.92 14.17 8.34
CA PHE A 211 2.83 14.89 8.97
C PHE A 211 2.58 14.40 10.40
N LEU A 212 3.34 13.42 10.85
CA LEU A 212 3.10 12.80 12.14
C LEU A 212 3.20 13.80 13.26
N GLY A 213 2.17 13.84 14.08
CA GLY A 213 2.18 14.60 15.30
C GLY A 213 2.20 13.66 16.50
N GLU A 214 2.12 14.25 17.67
CA GLU A 214 2.07 13.50 18.89
C GLU A 214 0.76 12.79 19.08
N THR A 215 -0.29 13.37 18.53
CA THR A 215 -1.66 12.79 18.60
C THR A 215 -2.18 12.63 17.17
N LYS A 216 -3.17 11.73 17.02
CA LYS A 216 -3.84 11.58 15.74
C LYS A 216 -4.42 12.91 15.26
N GLN A 217 -5.02 13.66 16.18
CA GLN A 217 -5.60 14.94 15.80
C GLN A 217 -4.55 15.92 15.24
N GLU A 218 -3.36 15.93 15.82
CA GLU A 218 -2.31 16.83 15.36
C GLU A 218 -1.82 16.34 13.98
N THR A 219 -1.69 15.02 13.78
CA THR A 219 -1.34 14.50 12.45
C THR A 219 -2.33 14.95 11.40
N LEU A 220 -3.61 14.81 11.70
CA LEU A 220 -4.65 15.18 10.74
C LEU A 220 -4.68 16.69 10.48
N THR A 221 -4.42 17.48 11.51
CA THR A 221 -4.32 18.90 11.36
C THR A 221 -3.13 19.27 10.44
N ASN A 222 -2.01 18.60 10.63
CA ASN A 222 -0.84 18.83 9.78
C ASN A 222 -1.14 18.51 8.33
N ILE A 223 -1.83 17.39 8.10
CA ILE A 223 -2.21 17.01 6.72
C ILE A 223 -3.03 18.10 6.06
N SER A 224 -4.07 18.55 6.75
CA SER A 224 -4.97 19.52 6.15
C SER A 224 -4.27 20.83 5.83
N ALA A 225 -3.31 21.21 6.66
CA ALA A 225 -2.54 22.43 6.47
C ALA A 225 -1.36 22.22 5.52
N VAL A 226 -1.11 21.00 5.07
CA VAL A 226 0.09 20.64 4.35
C VAL A 226 1.33 21.12 5.07
N ASN A 227 1.32 20.86 6.36
CA ASN A 227 2.40 21.28 7.23
C ASN A 227 3.46 20.20 7.28
N TYR A 228 4.44 20.28 6.38
CA TYR A 228 5.65 19.46 6.37
C TYR A 228 6.81 20.29 5.89
N ASP A 229 8.01 19.79 6.14
CA ASP A 229 9.19 20.45 5.62
C ASP A 229 10.23 19.42 5.23
N PHE A 230 11.23 19.84 4.48
CA PHE A 230 12.38 19.01 4.17
C PHE A 230 13.51 19.28 5.18
N ASP A 231 13.26 18.93 6.42
CA ASP A 231 14.13 19.24 7.54
C ASP A 231 15.57 18.81 7.18
N GLU A 232 16.52 19.68 7.44
CA GLU A 232 17.93 19.37 7.12
C GLU A 232 18.48 18.18 7.96
N GLU A 233 17.83 17.84 9.07
CA GLU A 233 18.18 16.62 9.80
C GLU A 233 18.25 15.44 8.81
N TYR A 234 17.26 15.32 7.93
CA TYR A 234 17.13 14.15 7.05
C TYR A 234 17.46 14.43 5.61
N PHE A 235 17.31 15.67 5.17
CA PHE A 235 17.35 15.96 3.74
C PHE A 235 18.54 16.79 3.35
N SER A 236 19.55 16.85 4.19
CA SER A 236 20.73 17.66 3.90
C SER A 236 21.42 17.27 2.59
N ASN A 237 21.38 16.01 2.20
CA ASN A 237 21.98 15.55 0.97
C ASN A 237 21.03 15.20 -0.18
N THR A 238 19.75 15.45 0.00
CA THR A 238 18.76 15.01 -0.98
C THR A 238 18.80 15.93 -2.18
N SER A 239 18.66 15.34 -3.36
CA SER A 239 18.64 16.06 -4.61
C SER A 239 17.43 16.94 -4.78
N GLU A 240 17.61 17.99 -5.56
CA GLU A 240 16.47 18.87 -5.86
C GLU A 240 15.40 18.09 -6.68
N LEU A 241 15.80 17.12 -7.49
CA LEU A 241 14.83 16.26 -8.18
C LEU A 241 13.92 15.47 -7.24
N ALA A 242 14.50 14.90 -6.20
CA ALA A 242 13.73 14.12 -5.24
C ALA A 242 12.74 15.04 -4.56
N LYS A 243 13.20 16.22 -4.18
CA LYS A 243 12.31 17.13 -3.52
C LYS A 243 11.19 17.57 -4.45
N ASP A 244 11.49 17.77 -5.72
CA ASP A 244 10.49 18.18 -6.71
C ASP A 244 9.40 17.12 -6.83
N PHE A 245 9.82 15.87 -6.84
CA PHE A 245 8.90 14.74 -6.92
C PHE A 245 7.95 14.75 -5.75
N ILE A 246 8.48 14.84 -4.54
CA ILE A 246 7.64 14.84 -3.37
C ILE A 246 6.75 16.09 -3.32
N ARG A 247 7.34 17.25 -3.60
CA ARG A 247 6.58 18.50 -3.53
C ARG A 247 5.39 18.52 -4.49
N ARG A 248 5.52 17.88 -5.65
CA ARG A 248 4.43 17.85 -6.62
C ARG A 248 3.35 16.83 -6.31
N LEU A 249 3.56 16.00 -5.29
CA LEU A 249 2.58 15.03 -4.79
C LEU A 249 1.89 15.54 -3.54
N LEU A 250 2.63 16.18 -2.65
CA LEU A 250 2.09 16.68 -1.40
C LEU A 250 1.48 18.08 -1.56
N VAL A 251 0.44 18.13 -2.37
CA VAL A 251 -0.27 19.34 -2.73
C VAL A 251 -1.70 19.21 -2.27
N LYS A 252 -2.23 20.25 -1.65
CA LYS A 252 -3.57 20.17 -1.07
C LYS A 252 -4.66 19.99 -2.10
N ASP A 253 -4.61 20.75 -3.20
CA ASP A 253 -5.65 20.66 -4.23
C ASP A 253 -5.37 19.39 -5.05
N PRO A 254 -6.29 18.41 -5.00
CA PRO A 254 -6.01 17.17 -5.75
C PRO A 254 -5.84 17.42 -7.25
N LYS A 255 -6.47 18.45 -7.79
CA LYS A 255 -6.39 18.77 -9.23
C LYS A 255 -4.98 19.20 -9.66
N ARG A 256 -4.19 19.69 -8.71
CA ARG A 256 -2.83 20.17 -8.95
C ARG A 256 -1.77 19.11 -8.74
N ARG A 257 -2.13 17.98 -8.14
CA ARG A 257 -1.21 16.95 -7.81
C ARG A 257 -0.78 16.18 -9.07
N MET A 258 0.48 15.72 -9.14
CA MET A 258 0.89 14.89 -10.25
C MET A 258 -0.02 13.64 -10.33
N THR A 259 -0.36 13.26 -11.55
CA THR A 259 -1.07 12.02 -11.83
C THR A 259 -0.07 10.88 -11.88
N ILE A 260 -0.57 9.65 -11.91
CA ILE A 260 0.33 8.54 -11.94
C ILE A 260 1.19 8.56 -13.21
N ALA A 261 0.63 8.92 -14.36
CA ALA A 261 1.43 8.96 -15.59
C ALA A 261 2.56 9.99 -15.46
N GLN A 262 2.22 11.15 -14.92
CA GLN A 262 3.22 12.21 -14.71
C GLN A 262 4.31 11.81 -13.73
N SER A 263 3.94 11.07 -12.70
CA SER A 263 4.92 10.60 -11.74
C SER A 263 5.90 9.61 -12.34
N LEU A 264 5.42 8.77 -13.26
CA LEU A 264 6.29 7.80 -13.94
C LEU A 264 7.24 8.49 -14.92
N GLU A 265 6.86 9.67 -15.39
CA GLU A 265 7.61 10.43 -16.40
C GLU A 265 8.59 11.34 -15.72
N HIS A 266 8.50 11.45 -14.40
CA HIS A 266 9.28 12.40 -13.67
C HIS A 266 10.78 12.07 -13.74
N SER A 267 11.60 13.10 -13.89
CA SER A 267 13.04 12.91 -14.04
C SER A 267 13.69 12.18 -12.88
N TRP A 268 13.13 12.32 -11.66
CA TRP A 268 13.73 11.62 -10.53
C TRP A 268 13.58 10.12 -10.72
N ILE A 269 12.41 9.67 -11.17
CA ILE A 269 12.16 8.25 -11.30
C ILE A 269 13.01 7.71 -12.42
N LYS A 270 13.15 8.52 -13.45
CA LYS A 270 13.94 8.12 -14.62
C LYS A 270 15.45 8.25 -14.39
N ALA A 271 15.91 8.97 -13.36
CA ALA A 271 17.35 9.25 -13.24
C ALA A 271 18.23 8.02 -13.26
N ILE A 272 17.83 6.99 -12.52
CA ILE A 272 18.62 5.79 -12.39
C ILE A 272 18.70 5.03 -13.75
N ARG A 273 17.63 5.07 -14.54
CA ARG A 273 17.62 4.45 -15.88
C ARG A 273 18.48 5.22 -16.88
N ARG A 274 18.57 6.53 -16.70
CA ARG A 274 19.21 7.41 -17.66
C ARG A 274 20.73 7.39 -17.56
N ARG A 275 21.26 7.18 -16.36
CA ARG A 275 22.69 7.25 -16.12
C ARG A 275 23.36 5.90 -16.37
N ASN A 276 24.67 5.93 -16.58
CA ASN A 276 25.47 4.69 -16.47
C ASN A 276 26.01 4.44 -15.07
N VAL A 277 26.81 5.35 -14.57
CA VAL A 277 27.43 5.18 -13.25
C VAL A 277 26.92 6.28 -12.34
#